data_3KMO
#
_entry.id   3KMO
#
_cell.length_a   75.902
_cell.length_b   89.348
_cell.length_c   69.383
_cell.angle_alpha   90.00
_cell.angle_beta   90.07
_cell.angle_gamma   90.00
#
_symmetry.space_group_name_H-M   'C 1 2 1'
#
loop_
_entity.id
_entity.type
_entity.pdbx_description
1 polymer 'Glutathione S-transferase P'
2 non-polymer GLUTATHIONE
3 non-polymer 'CALCIUM ION'
4 non-polymer 'ETHACRYNIC ACID'
5 water water
#
_entity_poly.entity_id   1
_entity_poly.type   'polypeptide(L)'
_entity_poly.pdbx_seq_one_letter_code
;PPYTVVYFPVRGRCAALRMLLADQGQSWKEEVVTVETWQEGSLKASSLYGQLPKFQDGDLTLYQSNTILRHLGRTLGLYG
KDQQEAALVDMVNDGVEDLRCKYISLIVTNYEAGKDDYVKALPGQLKPFETLLSQNQGGKTFIVGDQISFADYNLLDLLL
IHEVLAPGCLDAFPLLSAYVGRLSARPKLKAFLASPEYVNLPINGNGKQ
;
_entity_poly.pdbx_strand_id   A,B
#
loop_
_chem_comp.id
_chem_comp.type
_chem_comp.name
_chem_comp.formula
CA non-polymer 'CALCIUM ION' 'Ca 2'
EAA non-polymer 'ETHACRYNIC ACID' 'C13 H12 Cl2 O4'
GSH non-polymer GLUTATHIONE 'C10 H17 N3 O6 S'
#
# COMPACT_ATOMS: atom_id res chain seq x y z
N PRO A 2 16.01 18.49 3.87
CA PRO A 2 16.30 19.07 2.46
C PRO A 2 15.73 18.18 1.33
N TYR A 3 14.63 18.69 0.72
CA TYR A 3 13.69 17.85 -0.02
C TYR A 3 13.78 18.00 -1.51
N THR A 4 13.91 16.87 -2.22
CA THR A 4 13.96 16.91 -3.68
C THR A 4 13.02 15.85 -4.14
N VAL A 5 12.14 16.23 -5.07
CA VAL A 5 11.19 15.32 -5.68
C VAL A 5 11.66 15.01 -7.13
N VAL A 6 11.98 13.75 -7.41
CA VAL A 6 12.38 13.38 -8.75
C VAL A 6 11.19 12.60 -9.32
N TYR A 7 10.48 13.17 -10.32
CA TYR A 7 9.26 12.55 -10.94
C TYR A 7 9.11 13.02 -12.36
N PHE A 8 8.11 12.47 -13.04
CA PHE A 8 7.77 12.92 -14.39
C PHE A 8 7.04 14.30 -14.34
N PRO A 9 6.95 15.01 -15.47
CA PRO A 9 6.22 16.30 -15.43
C PRO A 9 4.66 16.06 -15.44
N VAL A 10 4.12 15.65 -14.28
CA VAL A 10 2.78 15.09 -14.13
C VAL A 10 2.40 15.26 -12.64
N ARG A 11 1.11 15.42 -12.27
CA ARG A 11 0.76 15.45 -10.82
C ARG A 11 0.81 14.04 -10.22
N GLY A 12 0.10 13.08 -10.82
CA GLY A 12 0.09 11.64 -10.44
C GLY A 12 0.37 11.31 -8.97
N ARG A 13 1.28 10.34 -8.77
CA ARG A 13 1.58 9.88 -7.41
C ARG A 13 2.35 10.88 -6.55
N CYS A 14 2.60 12.08 -7.06
CA CYS A 14 3.23 13.12 -6.22
C CYS A 14 2.31 14.26 -5.82
N ALA A 15 1.14 14.34 -6.45
CA ALA A 15 0.17 15.37 -6.08
C ALA A 15 -0.01 15.47 -4.56
N ALA A 16 -0.20 14.32 -3.90
CA ALA A 16 -0.59 14.33 -2.51
C ALA A 16 0.55 14.73 -1.59
N LEU A 17 1.71 14.14 -1.83
CA LEU A 17 2.89 14.47 -1.02
C LEU A 17 3.35 15.93 -1.26
N ARG A 18 3.14 16.46 -2.47
CA ARG A 18 3.36 17.92 -2.70
C ARG A 18 2.39 18.78 -1.90
N MET A 19 1.09 18.49 -1.96
CA MET A 19 0.13 19.23 -1.12
C MET A 19 0.54 19.17 0.32
N LEU A 20 0.95 17.98 0.80
CA LEU A 20 1.43 17.84 2.17
C LEU A 20 2.58 18.81 2.46
N LEU A 21 3.60 18.81 1.61
CA LEU A 21 4.75 19.70 1.83
C LEU A 21 4.41 21.22 1.79
N ALA A 22 3.52 21.64 0.87
CA ALA A 22 3.09 23.01 0.72
C ALA A 22 2.34 23.45 1.94
N ASP A 23 1.51 22.56 2.43
CA ASP A 23 0.57 22.91 3.48
C ASP A 23 1.30 22.87 4.81
N GLN A 24 2.39 22.10 4.88
CA GLN A 24 3.20 22.13 6.10
C GLN A 24 4.26 23.23 6.00
N GLY A 25 4.19 23.99 4.94
CA GLY A 25 4.99 25.20 4.79
C GLY A 25 6.45 24.83 4.50
N GLN A 26 6.67 23.68 3.85
CA GLN A 26 8.03 23.17 3.56
C GLN A 26 8.45 23.70 2.17
N SER A 27 9.76 23.84 1.92
CA SER A 27 10.22 24.05 0.55
C SER A 27 10.57 22.67 0.04
N TRP A 28 10.62 22.57 -1.29
CA TRP A 28 11.27 21.44 -1.97
C TRP A 28 11.72 21.80 -3.41
N LYS A 29 12.67 21.05 -3.94
CA LYS A 29 13.04 21.19 -5.35
C LYS A 29 12.40 20.11 -6.23
N GLU A 30 12.03 20.47 -7.46
CA GLU A 30 11.48 19.52 -8.40
C GLU A 30 12.53 19.26 -9.48
N GLU A 31 13.13 18.07 -9.45
CA GLU A 31 13.98 17.52 -10.52
C GLU A 31 13.04 16.77 -11.45
N VAL A 32 12.97 17.21 -12.72
CA VAL A 32 12.01 16.67 -13.71
C VAL A 32 12.70 15.66 -14.64
N VAL A 33 12.17 14.43 -14.73
CA VAL A 33 12.61 13.38 -15.68
C VAL A 33 11.65 13.34 -16.86
N THR A 34 12.15 13.39 -18.08
CA THR A 34 11.24 13.41 -19.24
C THR A 34 11.13 11.99 -19.78
N VAL A 35 10.11 11.73 -20.60
CA VAL A 35 9.95 10.43 -21.24
C VAL A 35 11.22 10.08 -22.05
N GLU A 36 11.74 11.04 -22.80
CA GLU A 36 13.01 10.85 -23.49
C GLU A 36 14.18 10.46 -22.57
N THR A 37 14.35 11.12 -21.44
CA THR A 37 15.47 10.80 -20.55
C THR A 37 15.29 9.39 -19.94
N TRP A 38 14.06 9.10 -19.54
CA TRP A 38 13.67 7.83 -18.96
C TRP A 38 14.03 6.69 -19.86
N GLN A 39 13.61 6.76 -21.11
CA GLN A 39 13.96 5.78 -22.14
C GLN A 39 15.50 5.59 -22.39
N GLU A 40 16.30 6.52 -21.91
CA GLU A 40 17.72 6.42 -22.06
C GLU A 40 18.20 5.23 -21.23
N GLY A 41 17.63 5.07 -20.02
CA GLY A 41 17.78 3.87 -19.15
C GLY A 41 18.52 3.96 -17.79
N SER A 42 19.34 4.99 -17.64
CA SER A 42 20.26 5.12 -16.51
C SER A 42 19.56 5.29 -15.21
N LEU A 43 18.54 6.14 -15.23
CA LEU A 43 17.88 6.48 -13.99
C LEU A 43 17.00 5.29 -13.55
N LYS A 44 16.23 4.75 -14.50
CA LYS A 44 15.48 3.56 -14.25
C LYS A 44 16.39 2.41 -13.78
N ALA A 45 17.45 2.11 -14.49
CA ALA A 45 18.39 1.10 -14.02
C ALA A 45 18.88 1.33 -12.56
N SER A 46 19.13 2.58 -12.14
CA SER A 46 19.72 2.79 -10.82
C SER A 46 18.68 2.98 -9.73
N SER A 47 17.42 2.99 -10.11
CA SER A 47 16.31 3.11 -9.17
C SER A 47 15.90 1.78 -8.59
N LEU A 48 15.53 1.77 -7.31
CA LEU A 48 15.33 0.53 -6.53
C LEU A 48 14.41 -0.48 -7.20
N TYR A 49 13.19 -0.05 -7.53
CA TYR A 49 12.17 -0.89 -8.17
C TYR A 49 11.95 -0.45 -9.61
N GLY A 50 12.85 0.41 -10.10
CA GLY A 50 12.87 0.81 -11.50
C GLY A 50 11.73 1.69 -11.90
N GLN A 51 11.27 2.50 -10.95
CA GLN A 51 10.18 3.50 -11.18
C GLN A 51 10.42 4.86 -10.49
N LEU A 52 9.53 5.82 -10.73
CA LEU A 52 9.48 7.08 -10.02
C LEU A 52 8.11 7.20 -9.35
N PRO A 53 7.96 8.04 -8.31
CA PRO A 53 8.84 9.02 -7.69
C PRO A 53 10.04 8.47 -6.95
N LYS A 54 11.12 9.25 -6.89
CA LYS A 54 12.28 9.01 -6.06
C LYS A 54 12.39 10.28 -5.27
N PHE A 55 12.66 10.20 -3.97
CA PHE A 55 12.56 11.39 -3.10
C PHE A 55 13.78 11.46 -2.19
N GLN A 56 14.54 12.54 -2.30
CA GLN A 56 15.66 12.78 -1.42
C GLN A 56 15.18 13.64 -0.27
N ASP A 57 15.59 13.26 0.94
CA ASP A 57 15.46 14.05 2.18
C ASP A 57 16.81 13.97 2.89
N GLY A 58 17.59 15.06 2.80
CA GLY A 58 18.97 15.12 3.28
C GLY A 58 19.74 13.97 2.70
N ASP A 59 20.42 13.20 3.58
CA ASP A 59 21.22 11.98 3.24
C ASP A 59 20.32 10.84 2.75
N LEU A 60 19.01 10.88 3.02
CA LEU A 60 18.18 9.70 2.77
C LEU A 60 17.53 9.67 1.38
N THR A 61 17.56 8.50 0.72
CA THR A 61 16.83 8.27 -0.58
C THR A 61 15.70 7.30 -0.49
N LEU A 62 14.54 7.69 -1.00
CA LEU A 62 13.29 6.94 -0.82
C LEU A 62 12.62 6.62 -2.15
N TYR A 63 11.93 5.49 -2.21
CA TYR A 63 11.06 5.23 -3.33
C TYR A 63 9.73 4.81 -2.76
N GLN A 64 8.72 4.81 -3.61
CA GLN A 64 7.34 4.41 -3.31
C GLN A 64 6.56 5.57 -2.70
N SER A 65 5.51 6.00 -3.40
CA SER A 65 4.86 7.23 -3.05
C SER A 65 4.27 7.17 -1.66
N ASN A 66 3.82 6.02 -1.21
CA ASN A 66 3.23 5.98 0.13
C ASN A 66 4.28 5.85 1.20
N THR A 67 5.42 5.26 0.86
CA THR A 67 6.56 5.29 1.73
C THR A 67 6.95 6.77 1.97
N ILE A 68 6.90 7.60 0.93
CA ILE A 68 7.17 9.05 1.11
C ILE A 68 6.12 9.69 2.03
N LEU A 69 4.82 9.49 1.77
CA LEU A 69 3.73 10.01 2.66
C LEU A 69 3.90 9.64 4.16
N ARG A 70 3.99 8.34 4.46
CA ARG A 70 4.25 7.88 5.81
C ARG A 70 5.54 8.44 6.41
N HIS A 71 6.54 8.68 5.57
CA HIS A 71 7.79 9.25 6.04
C HIS A 71 7.60 10.66 6.40
N LEU A 72 6.99 11.45 5.54
CA LEU A 72 6.76 12.86 5.87
C LEU A 72 5.79 12.97 7.08
N GLY A 73 4.79 12.06 7.08
CA GLY A 73 3.73 12.05 8.11
C GLY A 73 4.33 11.69 9.44
N ARG A 74 5.32 10.80 9.38
CA ARG A 74 5.96 10.40 10.62
C ARG A 74 6.82 11.55 11.07
N THR A 75 7.62 12.12 10.16
CA THR A 75 8.62 13.15 10.56
C THR A 75 8.05 14.51 10.91
N LEU A 76 6.89 14.86 10.32
CA LEU A 76 6.18 16.16 10.57
C LEU A 76 4.93 16.06 11.48
N GLY A 77 4.65 14.89 12.07
CA GLY A 77 3.64 14.79 13.09
C GLY A 77 2.25 14.83 12.50
N LEU A 78 2.10 14.09 11.38
CA LEU A 78 0.83 13.93 10.59
C LEU A 78 0.30 12.45 10.57
N TYR A 79 0.19 11.83 11.75
CA TYR A 79 0.02 10.37 11.83
C TYR A 79 -0.85 9.90 12.94
N GLY A 80 -1.90 10.66 13.23
CA GLY A 80 -2.70 10.42 14.43
C GLY A 80 -2.04 10.85 15.75
N LYS A 81 -2.74 10.66 16.87
CA LYS A 81 -2.21 11.09 18.16
C LYS A 81 -1.65 9.94 19.01
N ASP A 82 -2.20 8.73 18.83
CA ASP A 82 -1.71 7.53 19.49
C ASP A 82 -1.61 6.38 18.45
N GLN A 83 -1.40 5.15 18.95
CA GLN A 83 -1.15 4.00 18.06
C GLN A 83 -2.39 3.55 17.31
N GLN A 84 -3.54 3.65 17.95
CA GLN A 84 -4.84 3.46 17.31
C GLN A 84 -5.20 4.45 16.21
N GLU A 85 -4.92 5.75 16.37
CA GLU A 85 -5.19 6.66 15.28
C GLU A 85 -4.22 6.38 14.19
N ALA A 86 -2.99 6.01 14.57
CA ALA A 86 -2.02 5.50 13.55
C ALA A 86 -2.61 4.33 12.68
N ALA A 87 -3.05 3.26 13.30
CA ALA A 87 -3.76 2.24 12.53
C ALA A 87 -4.85 2.83 11.64
N LEU A 88 -5.73 3.70 12.19
CA LEU A 88 -6.86 4.17 11.43
C LEU A 88 -6.43 5.06 10.24
N VAL A 89 -5.37 5.87 10.44
CA VAL A 89 -4.73 6.59 9.32
C VAL A 89 -4.28 5.63 8.23
N ASP A 90 -3.58 4.57 8.61
CA ASP A 90 -3.15 3.61 7.62
C ASP A 90 -4.34 2.98 6.92
N MET A 91 -5.38 2.59 7.65
CA MET A 91 -6.61 2.07 6.99
C MET A 91 -7.19 2.96 5.86
N VAL A 92 -7.38 4.25 6.14
CA VAL A 92 -7.81 5.24 5.16
C VAL A 92 -6.83 5.27 4.00
N ASN A 93 -5.54 5.44 4.27
CA ASN A 93 -4.57 5.60 3.14
C ASN A 93 -4.49 4.35 2.22
N ASP A 94 -4.63 3.16 2.81
CA ASP A 94 -4.61 1.93 1.98
C ASP A 94 -5.85 1.95 1.12
N GLY A 95 -7.00 2.37 1.69
CA GLY A 95 -8.27 2.41 0.98
C GLY A 95 -8.23 3.38 -0.18
N VAL A 96 -7.54 4.51 0.05
CA VAL A 96 -7.24 5.47 -1.01
C VAL A 96 -6.34 4.80 -2.04
N GLU A 97 -5.22 4.20 -1.65
CA GLU A 97 -4.38 3.48 -2.61
C GLU A 97 -5.14 2.50 -3.51
N ASP A 98 -6.15 1.81 -3.01
CA ASP A 98 -6.85 0.85 -3.86
C ASP A 98 -7.66 1.55 -4.93
N LEU A 99 -8.42 2.57 -4.57
CA LEU A 99 -9.16 3.34 -5.59
C LEU A 99 -8.21 4.07 -6.56
N ARG A 100 -7.02 4.48 -6.09
CA ARG A 100 -6.08 5.18 -6.99
C ARG A 100 -5.53 4.21 -8.03
N CYS A 101 -5.28 2.98 -7.62
N CYS A 101 -5.30 2.97 -7.61
CA CYS A 101 -4.90 1.92 -8.55
CA CYS A 101 -4.87 1.92 -8.50
C CYS A 101 -5.95 1.72 -9.63
C CYS A 101 -5.91 1.52 -9.58
N LYS A 102 -7.21 1.55 -9.23
CA LYS A 102 -8.27 1.30 -10.20
C LYS A 102 -8.38 2.50 -11.15
N TYR A 103 -8.20 3.72 -10.61
CA TYR A 103 -8.17 4.94 -11.41
C TYR A 103 -7.05 4.87 -12.44
N ILE A 104 -5.82 4.66 -11.98
CA ILE A 104 -4.72 4.49 -12.92
C ILE A 104 -4.96 3.42 -14.00
N SER A 105 -5.45 2.22 -13.69
CA SER A 105 -5.60 1.21 -14.78
C SER A 105 -6.55 1.71 -15.82
N LEU A 106 -7.62 2.37 -15.38
CA LEU A 106 -8.57 2.96 -16.28
C LEU A 106 -7.87 4.00 -17.12
N ILE A 107 -7.22 4.96 -16.50
CA ILE A 107 -6.60 6.04 -17.24
C ILE A 107 -5.61 5.47 -18.26
N VAL A 108 -4.77 4.54 -17.80
CA VAL A 108 -3.62 4.06 -18.62
C VAL A 108 -4.00 3.02 -19.67
N THR A 109 -4.86 2.07 -19.32
CA THR A 109 -4.99 0.87 -20.15
C THR A 109 -6.30 0.74 -20.90
N ASN A 110 -7.34 1.43 -20.43
CA ASN A 110 -8.73 1.09 -20.79
C ASN A 110 -9.74 2.23 -20.68
N TYR A 111 -9.30 3.45 -20.99
CA TYR A 111 -10.07 4.62 -20.59
C TYR A 111 -11.38 4.64 -21.35
N GLU A 112 -11.27 4.52 -22.68
CA GLU A 112 -12.42 4.73 -23.52
C GLU A 112 -13.53 3.72 -23.30
N ALA A 113 -13.22 2.42 -23.31
CA ALA A 113 -14.27 1.38 -23.15
C ALA A 113 -14.77 1.26 -21.70
N GLY A 114 -13.93 1.69 -20.76
CA GLY A 114 -14.11 1.36 -19.35
C GLY A 114 -14.71 2.47 -18.52
N LYS A 115 -14.72 3.69 -19.04
CA LYS A 115 -15.09 4.83 -18.21
C LYS A 115 -16.51 4.72 -17.70
N ASP A 116 -17.41 4.26 -18.58
CA ASP A 116 -18.81 4.08 -18.18
C ASP A 116 -18.97 3.09 -17.02
N ASP A 117 -18.41 1.89 -17.16
CA ASP A 117 -18.49 0.97 -16.04
C ASP A 117 -17.95 1.55 -14.72
N TYR A 118 -16.86 2.31 -14.86
CA TYR A 118 -16.07 2.75 -13.76
C TYR A 118 -16.91 3.81 -13.05
N VAL A 119 -17.38 4.79 -13.82
CA VAL A 119 -18.24 5.82 -13.26
C VAL A 119 -19.50 5.29 -12.48
N LYS A 120 -20.11 4.18 -12.99
CA LYS A 120 -21.20 3.45 -12.32
C LYS A 120 -20.75 2.96 -10.98
N ALA A 121 -19.56 2.40 -10.94
CA ALA A 121 -19.02 1.82 -9.71
C ALA A 121 -18.69 2.90 -8.69
N LEU A 122 -18.33 4.07 -9.17
CA LEU A 122 -17.77 5.11 -8.34
C LEU A 122 -18.50 5.41 -7.03
N PRO A 123 -19.84 5.64 -7.04
CA PRO A 123 -20.42 5.99 -5.73
C PRO A 123 -20.16 4.89 -4.68
N GLY A 124 -20.33 3.63 -5.07
CA GLY A 124 -19.88 2.55 -4.23
C GLY A 124 -18.46 2.69 -3.64
N GLN A 125 -17.52 3.20 -4.44
CA GLN A 125 -16.15 3.35 -3.96
C GLN A 125 -15.97 4.61 -3.12
N LEU A 126 -16.84 5.62 -3.29
CA LEU A 126 -16.68 6.87 -2.53
C LEU A 126 -17.38 6.74 -1.16
N LYS A 127 -18.44 5.93 -1.12
CA LYS A 127 -19.20 5.72 0.11
C LYS A 127 -18.33 5.60 1.35
N PRO A 128 -17.35 4.65 1.36
CA PRO A 128 -16.64 4.44 2.65
C PRO A 128 -16.01 5.70 3.22
N PHE A 129 -15.50 6.60 2.41
CA PHE A 129 -14.82 7.77 2.97
C PHE A 129 -15.86 8.75 3.55
N GLU A 130 -17.06 8.81 2.95
CA GLU A 130 -18.20 9.54 3.51
C GLU A 130 -18.57 8.92 4.86
N THR A 131 -18.76 7.60 4.87
CA THR A 131 -19.01 6.87 6.12
C THR A 131 -18.03 7.25 7.18
N LEU A 132 -16.73 7.04 6.96
CA LEU A 132 -15.66 7.43 7.90
C LEU A 132 -15.72 8.87 8.37
N LEU A 133 -15.91 9.79 7.45
CA LEU A 133 -16.19 11.13 7.90
C LEU A 133 -17.44 11.19 8.82
N SER A 134 -18.56 10.58 8.43
CA SER A 134 -19.78 10.65 9.33
C SER A 134 -19.54 10.17 10.78
N GLN A 135 -18.52 9.30 10.94
CA GLN A 135 -18.17 8.73 12.24
C GLN A 135 -17.10 9.52 12.98
N ASN A 136 -16.49 10.52 12.35
CA ASN A 136 -15.48 11.29 13.06
C ASN A 136 -15.91 12.73 13.18
N GLN A 137 -16.47 13.04 14.34
CA GLN A 137 -17.13 14.33 14.67
C GLN A 137 -17.92 15.06 13.58
N GLY A 138 -18.99 14.41 13.11
CA GLY A 138 -19.88 14.94 12.09
C GLY A 138 -19.23 15.20 10.76
N GLY A 139 -17.93 14.94 10.65
CA GLY A 139 -17.20 15.06 9.37
C GLY A 139 -16.63 16.44 9.20
N LYS A 140 -16.64 17.17 10.32
CA LYS A 140 -16.32 18.61 10.38
C LYS A 140 -14.83 18.89 10.45
N THR A 141 -14.06 17.84 10.48
CA THR A 141 -12.68 17.94 10.96
C THR A 141 -11.72 17.26 9.95
N PHE A 142 -11.18 16.09 10.25
CA PHE A 142 -10.31 15.39 9.30
C PHE A 142 -10.79 13.96 9.18
N ILE A 143 -10.08 13.16 8.36
CA ILE A 143 -10.60 11.85 8.05
C ILE A 143 -10.40 11.00 9.30
N VAL A 144 -9.36 11.32 10.08
CA VAL A 144 -9.01 10.56 11.29
C VAL A 144 -8.63 11.49 12.45
N GLY A 145 -9.32 11.42 13.57
CA GLY A 145 -8.98 12.25 14.71
C GLY A 145 -9.14 13.77 14.54
N ASP A 146 -8.67 14.48 15.54
CA ASP A 146 -8.56 15.95 15.61
C ASP A 146 -7.67 16.66 14.59
N GLN A 147 -6.65 15.97 14.08
CA GLN A 147 -5.57 16.65 13.32
C GLN A 147 -5.35 16.12 11.89
N ILE A 148 -4.78 17.01 11.06
CA ILE A 148 -4.36 16.66 9.73
C ILE A 148 -3.40 15.48 9.75
N SER A 149 -3.62 14.54 8.84
CA SER A 149 -2.72 13.40 8.71
C SER A 149 -2.48 13.29 7.21
N PHE A 150 -1.35 12.64 6.85
CA PHE A 150 -0.96 12.36 5.44
C PHE A 150 -2.02 11.69 4.61
N ALA A 151 -2.87 10.88 5.25
CA ALA A 151 -4.07 10.34 4.60
C ALA A 151 -5.04 11.38 4.03
N ASP A 152 -5.16 12.52 4.73
CA ASP A 152 -6.03 13.58 4.31
C ASP A 152 -5.61 14.12 2.99
N TYR A 153 -4.32 14.39 2.88
CA TYR A 153 -3.71 14.82 1.60
C TYR A 153 -3.94 13.82 0.46
N ASN A 154 -3.76 12.52 0.74
CA ASN A 154 -4.01 11.47 -0.29
C ASN A 154 -5.48 11.32 -0.60
N LEU A 155 -6.38 11.44 0.38
CA LEU A 155 -7.79 11.37 0.05
C LEU A 155 -8.23 12.67 -0.63
N LEU A 156 -7.78 13.83 -0.16
CA LEU A 156 -8.00 15.05 -0.97
C LEU A 156 -7.58 14.93 -2.44
N ASP A 157 -6.40 14.36 -2.76
CA ASP A 157 -6.00 14.35 -4.15
C ASP A 157 -6.95 13.46 -4.87
N LEU A 158 -7.19 12.29 -4.28
CA LEU A 158 -8.09 11.36 -4.87
C LEU A 158 -9.49 11.94 -5.18
N LEU A 159 -10.01 12.84 -4.35
CA LEU A 159 -11.33 13.40 -4.64
C LEU A 159 -11.28 14.45 -5.73
N LEU A 160 -10.16 15.16 -5.79
CA LEU A 160 -10.00 16.21 -6.76
C LEU A 160 -10.01 15.58 -8.09
N ILE A 161 -9.26 14.50 -8.27
CA ILE A 161 -9.12 13.93 -9.61
C ILE A 161 -10.34 13.16 -10.02
N HIS A 162 -11.08 12.65 -9.03
CA HIS A 162 -12.41 12.13 -9.32
C HIS A 162 -13.46 13.23 -9.69
N GLU A 163 -13.32 14.47 -9.15
CA GLU A 163 -14.25 15.53 -9.64
C GLU A 163 -14.02 15.90 -11.11
N VAL A 164 -12.78 15.69 -11.61
CA VAL A 164 -12.42 15.99 -12.98
C VAL A 164 -12.86 14.85 -13.85
N LEU A 165 -12.68 13.63 -13.39
CA LEU A 165 -12.98 12.51 -14.23
C LEU A 165 -14.47 12.43 -14.41
N ALA A 166 -15.18 12.68 -13.32
CA ALA A 166 -16.63 12.54 -13.32
C ALA A 166 -17.29 13.66 -12.47
N PRO A 167 -17.45 14.87 -13.06
CA PRO A 167 -17.91 16.06 -12.33
C PRO A 167 -19.25 15.85 -11.64
N GLY A 168 -19.40 16.39 -10.46
CA GLY A 168 -20.59 16.12 -9.70
C GLY A 168 -20.64 14.78 -8.98
N CYS A 169 -19.64 13.91 -9.12
CA CYS A 169 -19.65 12.67 -8.31
C CYS A 169 -19.71 12.85 -6.79
N LEU A 170 -19.36 14.01 -6.25
CA LEU A 170 -19.38 14.25 -4.79
C LEU A 170 -20.65 14.92 -4.28
N ASP A 171 -21.61 15.09 -5.16
CA ASP A 171 -22.84 15.80 -4.86
C ASP A 171 -23.82 15.01 -3.99
N ALA A 172 -23.76 13.68 -4.05
CA ALA A 172 -24.61 12.85 -3.21
C ALA A 172 -23.99 12.73 -1.79
N PHE A 173 -22.80 13.32 -1.58
CA PHE A 173 -22.01 13.06 -0.37
C PHE A 173 -21.68 14.35 0.40
N PRO A 174 -22.60 14.82 1.26
CA PRO A 174 -22.41 16.15 1.88
C PRO A 174 -21.05 16.26 2.58
N LEU A 175 -20.66 15.19 3.31
CA LEU A 175 -19.44 15.27 4.15
C LEU A 175 -18.15 15.42 3.30
N LEU A 176 -18.02 14.55 2.28
CA LEU A 176 -16.87 14.57 1.41
C LEU A 176 -16.88 15.86 0.63
N SER A 177 -18.08 16.36 0.40
CA SER A 177 -18.20 17.53 -0.44
C SER A 177 -17.74 18.82 0.24
N ALA A 178 -18.07 18.98 1.53
CA ALA A 178 -17.59 20.10 2.35
C ALA A 178 -16.09 19.98 2.63
N TYR A 179 -15.67 18.75 2.89
CA TYR A 179 -14.30 18.40 3.18
C TYR A 179 -13.32 18.88 2.11
N VAL A 180 -13.60 18.56 0.84
CA VAL A 180 -12.80 19.00 -0.31
C VAL A 180 -12.63 20.52 -0.37
N GLY A 181 -13.74 21.27 -0.18
CA GLY A 181 -13.72 22.73 -0.06
C GLY A 181 -13.03 23.25 1.18
N ARG A 182 -13.16 22.58 2.32
CA ARG A 182 -12.56 23.11 3.56
C ARG A 182 -11.05 22.92 3.54
N LEU A 183 -10.58 21.74 3.10
CA LEU A 183 -9.13 21.48 3.04
C LEU A 183 -8.47 22.35 2.00
N SER A 184 -9.15 22.53 0.87
CA SER A 184 -8.63 23.38 -0.22
C SER A 184 -8.53 24.85 0.21
N ALA A 185 -9.38 25.23 1.16
CA ALA A 185 -9.40 26.58 1.71
C ALA A 185 -8.29 26.88 2.73
N ARG A 186 -7.59 25.85 3.24
CA ARG A 186 -6.41 26.11 4.11
C ARG A 186 -5.40 26.97 3.36
N PRO A 187 -4.97 28.11 3.92
CA PRO A 187 -4.25 29.16 3.13
C PRO A 187 -2.91 28.70 2.52
N LYS A 188 -2.09 27.91 3.21
CA LYS A 188 -0.92 27.41 2.44
C LYS A 188 -1.28 26.42 1.32
N LEU A 189 -2.33 25.61 1.50
CA LEU A 189 -2.75 24.75 0.39
C LEU A 189 -3.43 25.55 -0.74
N LYS A 190 -4.35 26.45 -0.36
CA LYS A 190 -5.06 27.30 -1.32
C LYS A 190 -4.10 27.96 -2.35
N ALA A 191 -2.98 28.47 -1.85
CA ALA A 191 -1.96 29.19 -2.60
C ALA A 191 -1.29 28.24 -3.58
N PHE A 192 -0.82 27.10 -3.04
CA PHE A 192 -0.16 26.07 -3.79
C PHE A 192 -1.08 25.58 -4.88
N LEU A 193 -2.35 25.33 -4.53
CA LEU A 193 -3.33 24.77 -5.46
C LEU A 193 -3.60 25.71 -6.59
N ALA A 194 -3.33 27.00 -6.36
CA ALA A 194 -3.46 28.03 -7.40
C ALA A 194 -2.12 28.38 -8.08
N SER A 195 -1.01 27.96 -7.47
CA SER A 195 0.32 28.21 -8.04
C SER A 195 0.54 27.54 -9.42
N PRO A 196 1.33 28.19 -10.33
CA PRO A 196 1.63 27.49 -11.60
C PRO A 196 2.28 26.12 -11.45
N GLU A 197 2.92 25.85 -10.31
CA GLU A 197 3.72 24.63 -10.19
C GLU A 197 2.78 23.37 -10.10
N TYR A 198 1.51 23.62 -9.74
CA TYR A 198 0.44 22.66 -9.68
C TYR A 198 -0.42 22.79 -10.89
N VAL A 199 -0.89 24.02 -11.14
CA VAL A 199 -1.87 24.28 -12.18
C VAL A 199 -1.31 23.86 -13.54
N ASN A 200 -0.04 24.18 -13.82
CA ASN A 200 0.55 23.93 -15.12
C ASN A 200 1.01 22.48 -15.41
N LEU A 201 0.77 21.52 -14.51
CA LEU A 201 0.99 20.08 -14.84
C LEU A 201 -0.33 19.35 -15.20
N PRO A 202 -0.23 18.33 -16.07
CA PRO A 202 -1.41 17.55 -16.25
C PRO A 202 -1.52 16.56 -15.04
N ILE A 203 -2.66 15.88 -14.93
CA ILE A 203 -2.91 14.94 -13.84
C ILE A 203 -2.10 13.64 -14.12
N ASN A 204 -2.19 13.13 -15.37
CA ASN A 204 -1.49 11.95 -15.83
C ASN A 204 -0.53 12.22 -17.03
N GLY A 205 0.20 11.20 -17.46
CA GLY A 205 1.12 11.29 -18.58
C GLY A 205 0.53 11.11 -19.98
N ASN A 206 -0.63 10.48 -20.10
CA ASN A 206 -1.18 10.23 -21.43
C ASN A 206 -2.27 11.21 -21.86
N GLY A 207 -2.45 12.33 -21.16
CA GLY A 207 -3.38 13.38 -21.60
C GLY A 207 -4.86 13.12 -21.28
N LYS A 208 -5.15 11.97 -20.66
CA LYS A 208 -6.52 11.66 -20.29
C LYS A 208 -6.74 12.03 -18.82
N GLN A 209 -7.99 12.27 -18.48
CA GLN A 209 -8.33 12.72 -17.13
C GLN A 209 -9.82 12.63 -16.90
N PRO B 1 -5.09 -7.57 21.65
CA PRO B 1 -5.76 -8.90 21.73
C PRO B 1 -7.01 -8.82 22.58
N PRO B 2 -7.87 -9.86 22.51
CA PRO B 2 -7.79 -11.02 21.61
C PRO B 2 -7.88 -10.64 20.12
N TYR B 3 -7.08 -11.35 19.33
CA TYR B 3 -7.03 -11.19 17.92
C TYR B 3 -7.94 -12.23 17.29
N THR B 4 -8.70 -11.79 16.29
CA THR B 4 -9.52 -12.66 15.47
C THR B 4 -9.22 -12.28 14.01
N VAL B 5 -8.90 -13.27 13.17
CA VAL B 5 -8.73 -13.07 11.76
C VAL B 5 -10.02 -13.54 11.06
N VAL B 6 -10.79 -12.66 10.44
CA VAL B 6 -11.98 -13.05 9.67
C VAL B 6 -11.52 -12.98 8.22
N TYR B 7 -11.69 -14.09 7.48
CA TYR B 7 -11.17 -14.27 6.08
C TYR B 7 -11.68 -15.55 5.43
N PHE B 8 -11.39 -15.71 4.15
CA PHE B 8 -11.83 -16.88 3.41
C PHE B 8 -10.92 -18.07 3.82
N PRO B 9 -11.30 -19.30 3.44
CA PRO B 9 -10.38 -20.39 3.80
C PRO B 9 -9.23 -20.59 2.73
N VAL B 10 -8.24 -19.70 2.75
CA VAL B 10 -7.08 -19.64 1.82
C VAL B 10 -5.95 -18.93 2.59
N ARG B 11 -4.69 -19.07 2.19
CA ARG B 11 -3.61 -18.28 2.81
C ARG B 11 -3.70 -16.84 2.38
N GLY B 12 -3.71 -16.63 1.06
CA GLY B 12 -3.83 -15.30 0.45
C GLY B 12 -3.24 -14.15 1.23
N ARG B 13 -4.07 -13.13 1.55
CA ARG B 13 -3.52 -11.88 2.09
C ARG B 13 -3.32 -11.88 3.59
N CYS B 14 -3.54 -13.03 4.23
CA CYS B 14 -3.39 -13.14 5.68
C CYS B 14 -2.26 -14.06 5.98
N ALA B 15 -1.69 -14.71 4.93
CA ALA B 15 -0.48 -15.56 5.20
C ALA B 15 0.59 -14.79 6.01
N ALA B 16 0.93 -13.56 5.59
CA ALA B 16 2.05 -12.86 6.21
C ALA B 16 1.76 -12.48 7.65
N LEU B 17 0.61 -11.83 7.88
CA LEU B 17 0.17 -11.44 9.24
C LEU B 17 -0.05 -12.65 10.18
N ARG B 18 -0.55 -13.77 9.64
CA ARG B 18 -0.55 -15.00 10.46
C ARG B 18 0.86 -15.42 10.92
N MET B 19 1.80 -15.65 9.98
CA MET B 19 3.25 -15.89 10.26
C MET B 19 3.77 -14.87 11.29
N LEU B 20 3.47 -13.59 11.09
CA LEU B 20 3.90 -12.59 12.12
C LEU B 20 3.42 -13.00 13.54
N LEU B 21 2.13 -13.29 13.70
CA LEU B 21 1.59 -13.61 15.03
C LEU B 21 2.27 -14.88 15.63
N ALA B 22 2.33 -15.94 14.82
CA ALA B 22 2.87 -17.19 15.25
C ALA B 22 4.28 -16.93 15.75
N ASP B 23 5.11 -16.34 14.88
CA ASP B 23 6.53 -16.05 15.22
C ASP B 23 6.62 -15.10 16.41
N GLN B 24 5.68 -14.15 16.51
CA GLN B 24 5.72 -13.29 17.71
C GLN B 24 5.15 -13.92 18.98
N GLY B 25 4.65 -15.14 18.89
CA GLY B 25 4.28 -15.91 20.10
C GLY B 25 2.82 -15.72 20.49
N GLN B 26 2.04 -15.23 19.53
CA GLN B 26 0.68 -14.75 19.79
C GLN B 26 -0.26 -15.91 19.46
N SER B 27 -1.46 -15.90 20.07
CA SER B 27 -2.53 -16.75 19.55
C SER B 27 -3.62 -15.85 18.98
N TRP B 28 -4.48 -16.48 18.17
CA TRP B 28 -5.62 -15.81 17.54
C TRP B 28 -6.70 -16.82 17.06
N LYS B 29 -7.91 -16.31 16.81
CA LYS B 29 -9.01 -17.13 16.36
C LYS B 29 -9.22 -16.90 14.88
N GLU B 30 -9.40 -17.97 14.10
CA GLU B 30 -9.75 -17.86 12.68
C GLU B 30 -11.24 -17.98 12.55
N GLU B 31 -11.92 -16.88 12.25
CA GLU B 31 -13.33 -16.93 11.85
C GLU B 31 -13.42 -17.09 10.30
N VAL B 32 -13.91 -18.25 9.85
CA VAL B 32 -13.88 -18.59 8.42
C VAL B 32 -15.18 -18.12 7.71
N VAL B 33 -15.01 -17.45 6.56
CA VAL B 33 -16.15 -16.96 5.73
C VAL B 33 -16.11 -17.67 4.41
N THR B 34 -17.08 -18.55 4.15
CA THR B 34 -17.04 -19.36 2.91
C THR B 34 -17.48 -18.49 1.74
N VAL B 35 -17.28 -18.95 0.51
CA VAL B 35 -17.72 -18.22 -0.68
C VAL B 35 -19.24 -18.09 -0.68
N GLU B 36 -19.91 -19.14 -0.24
CA GLU B 36 -21.37 -19.17 -0.17
C GLU B 36 -21.97 -18.19 0.85
N THR B 37 -21.34 -18.00 2.00
CA THR B 37 -21.85 -17.06 2.98
C THR B 37 -21.63 -15.64 2.48
N TRP B 38 -20.52 -15.43 1.79
CA TRP B 38 -20.08 -14.13 1.32
C TRP B 38 -21.07 -13.59 0.29
N GLN B 39 -21.51 -14.45 -0.62
CA GLN B 39 -22.49 -14.12 -1.67
C GLN B 39 -23.92 -13.76 -1.14
N GLU B 40 -24.22 -14.12 0.10
CA GLU B 40 -25.44 -13.75 0.77
C GLU B 40 -25.53 -12.22 0.90
N GLY B 41 -24.37 -11.56 1.12
CA GLY B 41 -24.21 -10.09 1.06
C GLY B 41 -23.99 -9.31 2.38
N SER B 42 -24.32 -9.94 3.51
CA SER B 42 -24.44 -9.26 4.82
C SER B 42 -23.14 -8.75 5.36
N LEU B 43 -22.15 -9.63 5.30
CA LEU B 43 -20.85 -9.30 5.87
C LEU B 43 -20.18 -8.29 4.92
N LYS B 44 -20.23 -8.61 3.63
CA LYS B 44 -19.72 -7.69 2.64
C LYS B 44 -20.26 -6.29 2.95
N ALA B 45 -21.59 -6.13 2.94
CA ALA B 45 -22.23 -4.83 3.06
C ALA B 45 -21.85 -4.07 4.32
N SER B 46 -21.52 -4.80 5.38
CA SER B 46 -21.18 -4.12 6.63
C SER B 46 -19.66 -3.93 6.78
N SER B 47 -18.89 -4.40 5.80
CA SER B 47 -17.44 -4.22 5.78
C SER B 47 -17.00 -2.90 5.12
N LEU B 48 -16.03 -2.20 5.75
CA LEU B 48 -15.68 -0.82 5.35
C LEU B 48 -15.51 -0.68 3.84
N TYR B 49 -14.62 -1.43 3.24
CA TYR B 49 -14.48 -1.35 1.78
C TYR B 49 -15.13 -2.54 1.03
N GLY B 50 -15.88 -3.38 1.78
CA GLY B 50 -16.61 -4.51 1.17
C GLY B 50 -15.72 -5.68 0.82
N GLN B 51 -14.58 -5.78 1.52
CA GLN B 51 -13.61 -6.86 1.33
C GLN B 51 -13.05 -7.46 2.65
N LEU B 52 -12.45 -8.65 2.53
CA LEU B 52 -11.78 -9.32 3.64
C LEU B 52 -10.28 -9.29 3.35
N PRO B 53 -9.41 -9.43 4.37
CA PRO B 53 -9.54 -9.64 5.79
C PRO B 53 -10.22 -8.53 6.55
N LYS B 54 -10.95 -8.92 7.60
CA LYS B 54 -11.36 -8.07 8.70
C LYS B 54 -10.56 -8.62 9.86
N PHE B 55 -10.20 -7.79 10.84
CA PHE B 55 -9.30 -8.22 11.94
C PHE B 55 -9.70 -7.42 13.15
N GLN B 56 -10.05 -8.14 14.22
CA GLN B 56 -10.42 -7.55 15.47
C GLN B 56 -9.22 -7.68 16.38
N ASP B 57 -8.85 -6.61 17.08
CA ASP B 57 -7.85 -6.60 18.17
C ASP B 57 -8.55 -5.91 19.35
N GLY B 58 -9.05 -6.75 20.28
CA GLY B 58 -9.98 -6.29 21.33
C GLY B 58 -11.19 -5.55 20.78
N ASP B 59 -11.36 -4.29 21.20
CA ASP B 59 -12.48 -3.39 20.81
C ASP B 59 -12.26 -2.86 19.39
N LEU B 60 -11.01 -2.91 18.90
CA LEU B 60 -10.63 -2.28 17.63
C LEU B 60 -10.95 -3.21 16.49
N THR B 61 -11.53 -2.69 15.41
CA THR B 61 -11.75 -3.45 14.19
C THR B 61 -10.95 -2.83 13.07
N LEU B 62 -10.23 -3.65 12.29
CA LEU B 62 -9.35 -3.13 11.24
C LEU B 62 -9.62 -3.79 9.89
N TYR B 63 -9.35 -3.07 8.82
CA TYR B 63 -9.43 -3.64 7.48
C TYR B 63 -8.18 -3.29 6.74
N GLN B 64 -7.89 -3.99 5.66
CA GLN B 64 -6.70 -3.72 4.83
C GLN B 64 -5.52 -4.45 5.37
N SER B 65 -5.02 -5.41 4.59
CA SER B 65 -4.08 -6.35 5.14
C SER B 65 -2.81 -5.66 5.57
N ASN B 66 -2.31 -4.69 4.82
CA ASN B 66 -1.12 -3.92 5.27
C ASN B 66 -1.41 -2.97 6.43
N THR B 67 -2.65 -2.51 6.58
CA THR B 67 -3.01 -1.89 7.85
C THR B 67 -2.86 -2.91 9.01
N ILE B 68 -3.28 -4.17 8.83
CA ILE B 68 -3.09 -5.12 9.89
C ILE B 68 -1.58 -5.25 10.20
N LEU B 69 -0.76 -5.45 9.15
CA LEU B 69 0.70 -5.63 9.32
C LEU B 69 1.38 -4.43 10.04
N ARG B 70 1.14 -3.20 9.57
CA ARG B 70 1.73 -2.05 10.24
C ARG B 70 1.19 -1.84 11.62
N HIS B 71 -0.01 -2.34 11.88
CA HIS B 71 -0.60 -2.20 13.19
C HIS B 71 0.06 -3.17 14.07
N LEU B 72 0.21 -4.41 13.62
CA LEU B 72 0.86 -5.42 14.47
C LEU B 72 2.34 -5.05 14.68
N GLY B 73 2.95 -4.56 13.59
CA GLY B 73 4.38 -4.15 13.57
C GLY B 73 4.62 -3.00 14.51
N ARG B 74 3.74 -2.02 14.43
CA ARG B 74 3.76 -0.95 15.38
C ARG B 74 3.59 -1.45 16.82
N THR B 75 2.49 -2.15 17.13
CA THR B 75 2.23 -2.50 18.53
C THR B 75 3.18 -3.53 19.13
N LEU B 76 3.79 -4.38 18.28
CA LEU B 76 4.76 -5.44 18.77
C LEU B 76 6.24 -5.12 18.54
N GLY B 77 6.56 -3.89 18.12
CA GLY B 77 7.96 -3.40 18.08
C GLY B 77 8.73 -4.06 16.95
N LEU B 78 8.08 -4.09 15.79
CA LEU B 78 8.56 -4.76 14.59
C LEU B 78 8.62 -3.76 13.43
N TYR B 79 9.16 -2.56 13.69
CA TYR B 79 9.05 -1.45 12.75
C TYR B 79 10.35 -0.67 12.61
N GLY B 80 11.48 -1.37 12.75
CA GLY B 80 12.80 -0.72 12.79
C GLY B 80 13.10 -0.01 14.11
N LYS B 81 14.31 0.54 14.22
CA LYS B 81 14.81 1.13 15.47
C LYS B 81 14.54 2.65 15.61
N ASP B 82 14.59 3.39 14.51
CA ASP B 82 14.20 4.81 14.56
C ASP B 82 13.31 5.16 13.37
N GLN B 83 13.22 6.45 13.02
CA GLN B 83 12.31 6.92 11.96
C GLN B 83 12.81 6.57 10.57
N GLN B 84 14.11 6.76 10.31
CA GLN B 84 14.77 6.27 9.09
C GLN B 84 14.50 4.79 8.79
N GLU B 85 14.51 3.93 9.81
CA GLU B 85 14.30 2.54 9.58
C GLU B 85 12.87 2.28 9.34
N ALA B 86 11.97 2.96 10.06
CA ALA B 86 10.54 2.94 9.66
C ALA B 86 10.32 3.24 8.14
N ALA B 87 10.97 4.27 7.60
CA ALA B 87 10.82 4.52 6.19
C ALA B 87 11.33 3.34 5.37
N LEU B 88 12.54 2.84 5.64
CA LEU B 88 13.05 1.70 4.86
C LEU B 88 12.14 0.49 4.93
N VAL B 89 11.64 0.16 6.13
CA VAL B 89 10.60 -0.90 6.33
C VAL B 89 9.36 -0.65 5.45
N ASP B 90 8.82 0.58 5.47
CA ASP B 90 7.71 0.90 4.55
C ASP B 90 8.08 0.73 3.09
N MET B 91 9.26 1.20 2.67
CA MET B 91 9.74 1.02 1.29
C MET B 91 9.69 -0.46 0.84
N VAL B 92 10.18 -1.35 1.70
CA VAL B 92 10.21 -2.78 1.42
C VAL B 92 8.81 -3.30 1.30
N ASN B 93 8.03 -3.09 2.34
CA ASN B 93 6.64 -3.53 2.30
C ASN B 93 5.78 -3.07 1.08
N ASP B 94 5.96 -1.82 0.65
CA ASP B 94 5.23 -1.32 -0.53
C ASP B 94 5.74 -2.05 -1.77
N GLY B 95 7.08 -2.23 -1.87
CA GLY B 95 7.64 -3.00 -2.97
C GLY B 95 7.08 -4.42 -2.99
N VAL B 96 6.94 -5.03 -1.81
CA VAL B 96 6.32 -6.33 -1.70
C VAL B 96 4.85 -6.26 -2.11
N GLU B 97 4.16 -5.18 -1.74
CA GLU B 97 2.77 -5.01 -2.18
C GLU B 97 2.59 -4.94 -3.68
N ASP B 98 3.49 -4.32 -4.40
CA ASP B 98 3.26 -4.22 -5.84
C ASP B 98 3.41 -5.59 -6.53
N LEU B 99 4.43 -6.36 -6.12
CA LEU B 99 4.63 -7.66 -6.74
C LEU B 99 3.51 -8.62 -6.27
N ARG B 100 2.95 -8.38 -5.06
CA ARG B 100 1.79 -9.17 -4.67
C ARG B 100 0.58 -8.94 -5.59
N CYS B 101 0.32 -7.71 -6.05
N CYS B 101 0.40 -7.67 -5.98
CA CYS B 101 -0.85 -7.56 -6.93
CA CYS B 101 -0.66 -7.25 -6.88
C CYS B 101 -0.54 -8.09 -8.30
C CYS B 101 -0.52 -7.90 -8.24
N LYS B 102 0.73 -8.02 -8.71
CA LYS B 102 1.02 -8.59 -10.01
C LYS B 102 0.80 -10.11 -9.96
N TYR B 103 1.18 -10.70 -8.82
CA TYR B 103 0.87 -12.09 -8.53
C TYR B 103 -0.60 -12.33 -8.53
N ILE B 104 -1.35 -11.65 -7.66
CA ILE B 104 -2.78 -11.87 -7.58
C ILE B 104 -3.44 -11.73 -8.95
N SER B 105 -3.07 -10.68 -9.65
CA SER B 105 -3.65 -10.38 -10.94
C SER B 105 -3.50 -11.55 -11.96
N LEU B 106 -2.28 -12.02 -12.16
CA LEU B 106 -2.00 -13.26 -12.86
C LEU B 106 -2.86 -14.44 -12.38
N ILE B 107 -2.85 -14.73 -11.08
CA ILE B 107 -3.59 -15.88 -10.56
C ILE B 107 -5.07 -15.81 -10.93
N VAL B 108 -5.66 -14.64 -10.65
CA VAL B 108 -7.10 -14.49 -10.74
C VAL B 108 -7.56 -14.31 -12.16
N THR B 109 -6.85 -13.48 -12.94
CA THR B 109 -7.44 -13.00 -14.20
C THR B 109 -6.93 -13.64 -15.48
N ASN B 110 -5.77 -14.27 -15.44
CA ASN B 110 -4.99 -14.48 -16.66
C ASN B 110 -3.85 -15.53 -16.54
N TYR B 111 -4.07 -16.60 -15.78
CA TYR B 111 -2.96 -17.48 -15.34
C TYR B 111 -2.33 -18.33 -16.44
N GLU B 112 -3.16 -18.82 -17.35
CA GLU B 112 -2.76 -19.63 -18.49
C GLU B 112 -2.06 -18.76 -19.54
N ALA B 113 -2.73 -17.80 -20.18
CA ALA B 113 -2.01 -16.98 -21.21
C ALA B 113 -0.71 -16.27 -20.71
N GLY B 114 -0.69 -16.05 -19.39
CA GLY B 114 0.10 -15.03 -18.74
C GLY B 114 1.30 -15.51 -17.96
N LYS B 115 1.31 -16.80 -17.57
CA LYS B 115 2.31 -17.32 -16.68
C LYS B 115 3.71 -17.26 -17.28
N ASP B 116 3.76 -17.42 -18.60
CA ASP B 116 5.01 -17.36 -19.36
C ASP B 116 5.67 -15.95 -19.36
N ASP B 117 4.91 -14.91 -19.70
CA ASP B 117 5.46 -13.58 -19.56
C ASP B 117 5.83 -13.25 -18.12
N TYR B 118 4.97 -13.64 -17.19
CA TYR B 118 5.16 -13.28 -15.83
C TYR B 118 6.49 -13.86 -15.31
N VAL B 119 6.77 -15.06 -15.76
CA VAL B 119 7.85 -15.85 -15.17
C VAL B 119 9.23 -15.37 -15.65
N LYS B 120 9.27 -14.84 -16.89
CA LYS B 120 10.48 -14.21 -17.48
C LYS B 120 10.72 -12.87 -16.82
N ALA B 121 9.64 -12.15 -16.52
CA ALA B 121 9.77 -10.88 -15.84
C ALA B 121 10.23 -11.10 -14.39
N LEU B 122 9.98 -12.28 -13.85
CA LEU B 122 10.17 -12.46 -12.42
C LEU B 122 11.55 -12.00 -11.85
N PRO B 123 12.69 -12.50 -12.40
CA PRO B 123 13.97 -12.17 -11.80
C PRO B 123 14.22 -10.67 -11.63
N GLY B 124 13.92 -9.89 -12.66
CA GLY B 124 13.95 -8.42 -12.54
C GLY B 124 13.15 -7.87 -11.36
N GLN B 125 12.01 -8.50 -11.04
CA GLN B 125 11.15 -8.10 -9.92
C GLN B 125 11.70 -8.59 -8.57
N LEU B 126 12.47 -9.70 -8.58
CA LEU B 126 13.02 -10.26 -7.33
C LEU B 126 14.34 -9.60 -6.94
N LYS B 127 15.11 -9.19 -7.97
CA LYS B 127 16.42 -8.58 -7.75
C LYS B 127 16.43 -7.50 -6.67
N PRO B 128 15.46 -6.57 -6.66
CA PRO B 128 15.63 -5.47 -5.68
C PRO B 128 15.79 -5.93 -4.21
N PHE B 129 15.09 -7.00 -3.83
CA PHE B 129 15.16 -7.55 -2.47
C PHE B 129 16.50 -8.19 -2.19
N GLU B 130 17.04 -8.94 -3.16
CA GLU B 130 18.48 -9.31 -3.17
C GLU B 130 19.36 -8.07 -2.93
N THR B 131 19.21 -7.06 -3.78
CA THR B 131 19.99 -5.82 -3.63
C THR B 131 19.92 -5.27 -2.22
N LEU B 132 18.70 -5.05 -1.70
CA LEU B 132 18.49 -4.66 -0.28
C LEU B 132 19.10 -5.55 0.77
N LEU B 133 18.93 -6.86 0.65
CA LEU B 133 19.70 -7.76 1.52
C LEU B 133 21.20 -7.49 1.40
N SER B 134 21.75 -7.43 0.20
CA SER B 134 23.21 -7.23 0.06
C SER B 134 23.81 -6.00 0.75
N GLN B 135 22.96 -5.02 1.07
CA GLN B 135 23.42 -3.78 1.67
C GLN B 135 23.14 -3.69 3.18
N ASN B 136 22.48 -4.71 3.73
CA ASN B 136 22.28 -4.75 5.14
C ASN B 136 22.97 -5.96 5.71
N GLN B 137 24.14 -5.73 6.32
CA GLN B 137 24.88 -6.76 7.03
C GLN B 137 25.13 -7.98 6.15
N GLY B 138 25.59 -7.77 4.92
CA GLY B 138 25.85 -8.86 3.97
C GLY B 138 24.65 -9.74 3.72
N GLY B 139 23.48 -9.40 4.24
CA GLY B 139 22.29 -10.21 3.97
C GLY B 139 21.96 -11.23 5.03
N LYS B 140 22.66 -11.15 6.16
CA LYS B 140 22.70 -12.18 7.20
C LYS B 140 21.67 -12.08 8.31
N THR B 141 20.92 -10.98 8.34
CA THR B 141 19.97 -10.69 9.43
C THR B 141 18.62 -10.55 8.83
N PHE B 142 18.12 -9.34 8.64
CA PHE B 142 16.74 -9.14 8.17
C PHE B 142 16.72 -8.13 7.06
N ILE B 143 15.55 -7.79 6.51
CA ILE B 143 15.57 -7.02 5.28
C ILE B 143 15.96 -5.55 5.62
N VAL B 144 15.68 -5.15 6.87
CA VAL B 144 15.97 -3.82 7.39
C VAL B 144 16.44 -3.82 8.81
N GLY B 145 17.64 -3.31 9.04
CA GLY B 145 18.18 -3.22 10.40
C GLY B 145 18.48 -4.59 11.02
N ASP B 146 18.73 -4.58 12.32
CA ASP B 146 19.15 -5.77 13.06
C ASP B 146 18.03 -6.60 13.64
N GLN B 147 16.80 -6.13 13.43
CA GLN B 147 15.63 -6.76 14.00
C GLN B 147 14.56 -7.06 12.95
N ILE B 148 13.84 -8.17 13.22
CA ILE B 148 12.72 -8.62 12.40
C ILE B 148 11.65 -7.52 12.35
N SER B 149 10.94 -7.41 11.24
CA SER B 149 9.97 -6.33 11.09
C SER B 149 8.84 -6.92 10.29
N PHE B 150 7.68 -6.24 10.25
CA PHE B 150 6.48 -6.75 9.55
C PHE B 150 6.82 -7.04 8.10
N ALA B 151 7.62 -6.16 7.53
CA ALA B 151 8.09 -6.32 6.16
C ALA B 151 8.73 -7.68 5.89
N ASP B 152 9.51 -8.21 6.84
CA ASP B 152 10.12 -9.52 6.69
C ASP B 152 9.11 -10.60 6.46
N TYR B 153 8.03 -10.57 7.25
CA TYR B 153 6.99 -11.62 7.18
C TYR B 153 6.25 -11.56 5.82
N ASN B 154 5.99 -10.33 5.37
CA ASN B 154 5.42 -10.14 4.03
C ASN B 154 6.41 -10.51 2.90
N LEU B 155 7.71 -10.33 3.10
CA LEU B 155 8.61 -10.63 2.00
C LEU B 155 8.78 -12.13 1.92
N LEU B 156 8.91 -12.76 3.09
CA LEU B 156 8.99 -14.20 3.20
C LEU B 156 7.78 -14.88 2.61
N ASP B 157 6.60 -14.27 2.65
CA ASP B 157 5.42 -14.95 2.10
C ASP B 157 5.50 -14.86 0.62
N LEU B 158 5.73 -13.65 0.16
CA LEU B 158 6.01 -13.44 -1.24
C LEU B 158 7.06 -14.41 -1.87
N LEU B 159 8.12 -14.76 -1.14
CA LEU B 159 9.11 -15.62 -1.75
C LEU B 159 8.60 -17.03 -1.77
N LEU B 160 7.87 -17.41 -0.71
CA LEU B 160 7.33 -18.76 -0.65
C LEU B 160 6.39 -19.00 -1.81
N ILE B 161 5.42 -18.13 -1.99
CA ILE B 161 4.40 -18.43 -3.00
C ILE B 161 4.99 -18.31 -4.38
N HIS B 162 6.08 -17.55 -4.52
CA HIS B 162 6.84 -17.56 -5.80
C HIS B 162 7.74 -18.82 -6.03
N GLU B 163 8.15 -19.53 -4.97
CA GLU B 163 8.83 -20.84 -5.19
C GLU B 163 7.82 -21.87 -5.62
N VAL B 164 6.56 -21.64 -5.25
CA VAL B 164 5.47 -22.53 -5.69
C VAL B 164 5.07 -22.19 -7.12
N LEU B 165 4.89 -20.93 -7.47
CA LEU B 165 4.57 -20.60 -8.84
C LEU B 165 5.66 -20.99 -9.83
N ALA B 166 6.91 -20.83 -9.43
CA ALA B 166 8.06 -20.98 -10.34
C ALA B 166 9.25 -21.55 -9.60
N PRO B 167 9.24 -22.88 -9.30
CA PRO B 167 10.31 -23.60 -8.58
C PRO B 167 11.74 -23.29 -9.10
N GLY B 168 12.64 -22.91 -8.20
CA GLY B 168 13.96 -22.49 -8.64
C GLY B 168 14.14 -21.01 -8.99
N CYS B 169 13.07 -20.23 -8.93
CA CYS B 169 13.24 -18.78 -9.14
C CYS B 169 14.20 -18.06 -8.19
N LEU B 170 14.63 -18.69 -7.09
CA LEU B 170 15.54 -18.03 -6.12
C LEU B 170 16.94 -18.66 -6.15
N ASP B 171 17.09 -19.67 -6.99
CA ASP B 171 18.43 -20.20 -7.25
C ASP B 171 19.45 -19.13 -7.71
N ALA B 172 19.07 -18.16 -8.52
CA ALA B 172 20.02 -17.15 -8.97
C ALA B 172 20.40 -16.09 -7.89
N PHE B 173 19.69 -16.11 -6.74
CA PHE B 173 19.75 -15.05 -5.71
C PHE B 173 20.12 -15.62 -4.34
N PRO B 174 21.44 -15.72 -4.07
CA PRO B 174 21.97 -16.38 -2.87
C PRO B 174 21.38 -15.83 -1.58
N LEU B 175 21.25 -14.50 -1.48
CA LEU B 175 20.84 -13.86 -0.22
C LEU B 175 19.38 -14.16 0.10
N LEU B 176 18.51 -14.02 -0.91
CA LEU B 176 17.08 -14.35 -0.75
C LEU B 176 16.85 -15.82 -0.42
N SER B 177 17.75 -16.67 -0.94
CA SER B 177 17.59 -18.13 -0.87
C SER B 177 17.92 -18.60 0.57
N ALA B 178 19.06 -18.14 1.09
CA ALA B 178 19.43 -18.35 2.49
C ALA B 178 18.41 -17.70 3.48
N TYR B 179 17.96 -16.49 3.15
CA TYR B 179 16.94 -15.79 3.90
C TYR B 179 15.66 -16.59 4.07
N VAL B 180 15.17 -17.23 3.01
CA VAL B 180 13.94 -18.05 3.10
C VAL B 180 14.07 -19.17 4.13
N GLY B 181 15.12 -19.99 4.01
CA GLY B 181 15.46 -21.02 4.99
C GLY B 181 15.77 -20.55 6.38
N ARG B 182 16.41 -19.41 6.53
CA ARG B 182 16.78 -19.01 7.90
C ARG B 182 15.53 -18.48 8.64
N LEU B 183 14.71 -17.69 7.96
CA LEU B 183 13.47 -17.23 8.58
C LEU B 183 12.49 -18.36 8.84
N SER B 184 12.28 -19.25 7.86
CA SER B 184 11.40 -20.45 8.04
C SER B 184 11.85 -21.37 9.18
N ALA B 185 13.15 -21.32 9.48
CA ALA B 185 13.75 -22.16 10.50
C ALA B 185 13.64 -21.55 11.87
N ARG B 186 13.17 -20.31 12.00
CA ARG B 186 12.93 -19.76 13.38
C ARG B 186 11.91 -20.65 14.09
N PRO B 187 12.20 -21.12 15.33
CA PRO B 187 11.39 -22.21 15.94
C PRO B 187 9.87 -21.98 16.03
N LYS B 188 9.44 -20.78 16.44
CA LYS B 188 7.98 -20.57 16.46
C LYS B 188 7.34 -20.48 15.04
N LEU B 189 8.09 -20.05 14.03
CA LEU B 189 7.56 -20.10 12.65
C LEU B 189 7.71 -21.50 11.93
N LYS B 190 8.79 -22.22 12.19
CA LYS B 190 8.99 -23.61 11.71
C LYS B 190 7.74 -24.48 12.02
N ALA B 191 7.25 -24.31 13.25
CA ALA B 191 6.11 -25.01 13.82
C ALA B 191 4.79 -24.62 13.11
N PHE B 192 4.58 -23.31 12.99
CA PHE B 192 3.40 -22.81 12.33
C PHE B 192 3.38 -23.24 10.89
N LEU B 193 4.54 -23.15 10.21
CA LEU B 193 4.65 -23.50 8.79
C LEU B 193 4.44 -24.96 8.50
N ALA B 194 4.66 -25.80 9.52
CA ALA B 194 4.30 -27.22 9.51
C ALA B 194 2.90 -27.55 10.05
N SER B 195 2.23 -26.62 10.73
CA SER B 195 0.92 -26.95 11.33
C SER B 195 -0.21 -27.18 10.32
N PRO B 196 -1.24 -27.96 10.70
CA PRO B 196 -2.41 -28.05 9.76
C PRO B 196 -3.02 -26.69 9.36
N GLU B 197 -3.05 -25.75 10.29
CA GLU B 197 -3.58 -24.39 10.10
C GLU B 197 -3.12 -23.71 8.82
N TYR B 198 -1.83 -23.86 8.53
CA TYR B 198 -1.18 -23.35 7.36
C TYR B 198 -1.22 -24.34 6.18
N VAL B 199 -0.87 -25.61 6.48
CA VAL B 199 -0.63 -26.58 5.44
C VAL B 199 -1.91 -26.95 4.74
N ASN B 200 -3.02 -26.98 5.52
CA ASN B 200 -4.29 -27.41 4.97
C ASN B 200 -5.12 -26.26 4.31
N LEU B 201 -4.53 -25.07 4.17
CA LEU B 201 -5.15 -24.07 3.26
C LEU B 201 -4.42 -24.08 1.91
N PRO B 202 -5.18 -23.85 0.83
CA PRO B 202 -4.65 -23.54 -0.46
C PRO B 202 -4.03 -22.11 -0.41
N ILE B 203 -3.14 -21.78 -1.36
CA ILE B 203 -2.62 -20.43 -1.45
C ILE B 203 -3.70 -19.38 -1.85
N ASN B 204 -4.50 -19.68 -2.89
CA ASN B 204 -5.57 -18.81 -3.40
C ASN B 204 -6.96 -19.52 -3.47
N GLY B 205 -8.00 -18.79 -3.88
CA GLY B 205 -9.39 -19.28 -3.94
C GLY B 205 -9.77 -20.07 -5.20
N ASN B 206 -9.03 -19.90 -6.29
CA ASN B 206 -9.43 -20.51 -7.55
C ASN B 206 -8.68 -21.79 -7.89
N GLY B 207 -7.93 -22.34 -6.94
CA GLY B 207 -7.29 -23.66 -7.17
C GLY B 207 -5.99 -23.54 -7.96
N LYS B 208 -5.62 -22.33 -8.34
CA LYS B 208 -4.35 -22.15 -9.04
C LYS B 208 -3.20 -21.67 -8.08
N GLN B 209 -1.95 -21.93 -8.51
CA GLN B 209 -0.76 -21.54 -7.72
C GLN B 209 0.52 -21.68 -8.53
N1 GSH C . 4.12 1.58 -6.29
CA1 GSH C . 4.18 2.88 -6.95
C1 GSH C . 4.47 4.05 -6.02
O11 GSH C . 3.64 4.29 -5.12
O12 GSH C . 5.48 4.82 -6.12
CB1 GSH C . 5.14 2.83 -8.13
CG1 GSH C . 5.04 4.09 -8.99
CD1 GSH C . 4.81 3.79 -10.47
OE1 GSH C . 3.71 2.99 -10.92
N2 GSH C . 5.71 4.39 -11.27
CA2 GSH C . 5.43 4.70 -12.66
C2 GSH C . 6.72 4.48 -13.43
O2 GSH C . 7.92 4.98 -12.88
CB2 GSH C . 4.88 6.13 -12.84
SG2 GSH C . 3.90 6.74 -11.43
N3 GSH C . 6.64 3.84 -14.61
CA3 GSH C . 7.65 3.88 -15.64
C3 GSH C . 8.35 2.54 -15.78
O31 GSH C . 7.87 1.46 -15.33
O32 GSH C . 9.46 2.51 -16.36
CA CA D . 13.34 22.29 -10.85
CA CA E . 10.52 24.71 -5.21
CA CA F . -22.98 19.77 -4.64
C1 EAA G . 5.21 7.34 -17.86
O2 EAA G . 6.15 7.68 -18.80
C2 EAA G . 4.45 8.42 -17.21
CL1 EAA G . 4.70 10.15 -17.56
C3 EAA G . 3.43 8.06 -16.22
CL2 EAA G . 2.59 9.42 -15.47
C4 EAA G . 3.15 6.66 -15.89
C5 EAA G . 3.93 5.72 -16.58
C6 EAA G . 4.92 6.02 -17.53
C7 EAA G . 2.10 6.25 -14.88
O1 EAA G . 1.75 5.08 -14.73
C8 EAA G . 1.41 7.17 -13.99
C9 EAA G . 0.43 8.25 -14.47
C10 EAA G . -0.19 9.06 -13.33
C11 EAA G . 1.64 6.98 -12.71
C12 EAA G . 7.43 7.08 -18.81
C13 EAA G . 7.52 6.06 -19.93
O EAA G . 6.88 4.98 -19.84
OXT EAA G . 8.25 6.36 -20.88
CA CA H . -0.12 17.02 14.20
N1 GSH I . -6.46 -3.96 -0.18
CA1 GSH I . -6.72 -5.35 0.18
C1 GSH I . -6.20 -5.67 1.55
O11 GSH I . -6.89 -6.14 2.50
O12 GSH I . -4.97 -5.52 1.76
CB1 GSH I . -8.17 -5.74 -0.04
CG1 GSH I . -8.31 -7.25 0.10
CD1 GSH I . -9.03 -7.87 -1.09
OE1 GSH I . -8.60 -7.54 -2.41
N2 GSH I . -10.01 -8.73 -0.71
CA2 GSH I . -10.60 -9.74 -1.56
C2 GSH I . -12.08 -9.73 -1.32
O2 GSH I . -12.58 -9.53 -0.04
CB2 GSH I . -10.14 -11.18 -1.30
SG2 GSH I . -8.37 -11.21 -1.00
N3 GSH I . -12.83 -9.93 -2.38
CA3 GSH I . -14.22 -10.27 -2.25
C3 GSH I . -15.10 -9.25 -2.94
O31 GSH I . -16.34 -9.24 -2.74
O32 GSH I . -14.59 -8.40 -3.71
CA CA J . -5.97 -20.47 16.89
CA CA K . 11.85 -5.43 17.80
C1 EAA L . -13.20 -15.10 -3.21
O2 EAA L . -14.40 -15.72 -2.95
C2 EAA L . -12.03 -15.75 -2.60
CL1 EAA L . -12.11 -17.20 -1.57
C3 EAA L . -10.70 -15.17 -2.82
CL2 EAA L . -9.40 -16.04 -2.00
C4 EAA L . -10.51 -13.96 -3.64
C5 EAA L . -11.69 -13.42 -4.20
C6 EAA L . -12.99 -13.96 -4.00
C7 EAA L . -9.11 -13.43 -3.83
O1 EAA L . -8.90 -12.37 -4.40
C8 EAA L . -7.91 -14.15 -3.35
C9 EAA L . -7.05 -15.05 -4.22
C10 EAA L . -5.63 -14.53 -4.08
C11 EAA L . -7.52 -13.99 -2.10
C12 EAA L . -15.60 -15.03 -2.62
C13 EAA L . -16.18 -14.55 -3.93
O EAA L . -16.34 -15.41 -4.83
OXT EAA L . -16.46 -13.34 -4.08
#